data_4GMH
#
_entry.id   4GMH
#
_cell.length_a   47.423
_cell.length_b   55.852
_cell.length_c   97.022
_cell.angle_alpha   90.00
_cell.angle_beta   90.00
_cell.angle_gamma   90.00
#
_symmetry.space_group_name_H-M   'P 2 21 21'
#
loop_
_entity.id
_entity.type
_entity.pdbx_description
1 polymer "5'-methylthioadenosine/S-adenosylhomocysteine nucleosidase"
2 non-polymer 'ACETATE ION'
3 water water
#
_entity_poly.entity_id   1
_entity_poly.type   'polypeptide(L)'
_entity_poly.pdbx_seq_one_letter_code
;GSMIGIIGAMEEEVTILKNKLTQLSEISVAHVKFYTGILKDREVVITQSGIGKVNAAISTTLLINKFKPDVIINTGSAGA
LDESLNVGDVLISDDVKYHDADATAFGYEYGQIPQMPVAFQSSKPLIEKVSQVVQQQQLTAKVGLIVSGDSFIGSVEQRQ
KIKKAFPNAMAVEMEATAIAQTCYQFNVPFVVVRAVSDLANGEAEMSFEAFLEKAAVSSSQTVEALVSQL
;
_entity_poly.pdbx_strand_id   A
#
loop_
_chem_comp.id
_chem_comp.type
_chem_comp.name
_chem_comp.formula
ACT non-polymer 'ACETATE ION' 'C2 H3 O2 -1'
#
# COMPACT_ATOMS: atom_id res chain seq x y z
N GLY A 1 -10.88 -12.25 -9.78
CA GLY A 1 -12.23 -12.40 -10.45
C GLY A 1 -13.46 -11.76 -9.77
N SER A 2 -14.15 -12.49 -8.88
CA SER A 2 -15.53 -12.09 -8.53
C SER A 2 -15.85 -11.13 -7.32
N MET A 3 -14.85 -10.88 -6.48
N MET A 3 -14.90 -10.88 -6.42
CA MET A 3 -14.99 -10.05 -5.28
CA MET A 3 -15.13 -9.86 -5.36
C MET A 3 -13.65 -9.31 -5.14
C MET A 3 -13.81 -9.27 -4.88
N ILE A 4 -13.64 -7.97 -5.14
CA ILE A 4 -12.32 -7.28 -4.98
C ILE A 4 -12.22 -6.42 -3.66
N GLY A 5 -11.28 -6.74 -2.74
CA GLY A 5 -11.03 -5.90 -1.52
C GLY A 5 -10.07 -4.70 -1.80
N ILE A 6 -10.42 -3.46 -1.32
CA ILE A 6 -9.54 -2.23 -1.45
C ILE A 6 -9.31 -1.55 -0.07
N ILE A 7 -8.04 -1.37 0.36
N ILE A 7 -8.05 -1.36 0.36
CA ILE A 7 -7.73 -0.88 1.72
CA ILE A 7 -7.74 -0.83 1.71
C ILE A 7 -6.81 0.37 1.73
C ILE A 7 -6.83 0.41 1.69
N GLY A 8 -7.25 1.47 2.41
CA GLY A 8 -6.42 2.73 2.61
C GLY A 8 -6.51 3.28 4.04
N ALA A 9 -5.45 4.00 4.59
CA ALA A 9 -5.40 4.39 6.04
C ALA A 9 -6.36 5.54 6.51
N MET A 10 -6.38 6.64 5.73
CA MET A 10 -6.93 7.98 6.06
C MET A 10 -8.18 8.34 5.18
N GLU A 11 -9.12 9.16 5.68
CA GLU A 11 -10.26 9.65 4.83
C GLU A 11 -9.92 10.25 3.44
N GLU A 12 -8.86 11.08 3.38
CA GLU A 12 -8.36 11.64 2.10
C GLU A 12 -7.97 10.57 1.09
N GLU A 13 -7.60 9.37 1.58
CA GLU A 13 -7.05 8.30 0.67
C GLU A 13 -8.19 7.38 0.11
N VAL A 14 -9.34 7.31 0.80
CA VAL A 14 -10.50 6.48 0.29
C VAL A 14 -11.70 7.25 -0.37
N THR A 15 -11.73 8.58 -0.18
CA THR A 15 -12.94 9.47 -0.54
C THR A 15 -13.21 9.50 -2.12
N ILE A 16 -12.16 9.57 -2.93
CA ILE A 16 -12.30 9.59 -4.40
C ILE A 16 -12.97 8.32 -4.92
N LEU A 17 -12.50 7.15 -4.49
CA LEU A 17 -13.07 5.83 -4.91
C LEU A 17 -14.50 5.55 -4.38
N LYS A 18 -14.76 5.97 -3.15
CA LYS A 18 -16.11 5.87 -2.56
C LYS A 18 -17.21 6.69 -3.33
N ASN A 19 -16.89 7.95 -3.71
CA ASN A 19 -17.74 8.75 -4.61
C ASN A 19 -17.98 8.28 -6.04
N LYS A 20 -17.15 7.36 -6.54
CA LYS A 20 -17.43 6.74 -7.83
C LYS A 20 -18.34 5.49 -7.81
N LEU A 21 -18.72 5.01 -6.62
CA LEU A 21 -19.57 3.82 -6.51
C LEU A 21 -21.05 4.13 -6.87
N THR A 22 -21.71 3.16 -7.48
CA THR A 22 -23.18 3.23 -7.64
C THR A 22 -23.77 2.26 -6.62
N GLN A 23 -24.88 2.69 -5.99
CA GLN A 23 -25.58 1.91 -4.93
C GLN A 23 -24.67 1.61 -3.67
N LEU A 24 -24.15 2.68 -3.06
CA LEU A 24 -23.23 2.61 -1.95
C LEU A 24 -23.99 2.17 -0.71
N SER A 25 -23.28 1.59 0.25
CA SER A 25 -23.89 1.05 1.47
C SER A 25 -22.78 0.82 2.50
N GLU A 26 -23.10 1.07 3.78
CA GLU A 26 -22.09 1.29 4.83
C GLU A 26 -22.33 0.49 6.10
N ILE A 27 -21.24 0.03 6.71
CA ILE A 27 -21.23 -0.99 7.77
C ILE A 27 -20.05 -0.72 8.72
N SER A 28 -20.32 -0.86 10.02
CA SER A 28 -19.38 -0.50 11.08
C SER A 28 -19.01 -1.63 12.03
N VAL A 29 -17.72 -1.83 12.30
CA VAL A 29 -17.35 -2.89 13.31
C VAL A 29 -16.08 -2.40 14.08
N ALA A 30 -16.13 -2.35 15.43
CA ALA A 30 -15.06 -1.69 16.24
C ALA A 30 -14.77 -0.27 15.66
N HIS A 31 -13.53 0.04 15.29
CA HIS A 31 -13.19 1.38 14.70
C HIS A 31 -13.25 1.41 13.17
N VAL A 32 -13.50 0.25 12.55
CA VAL A 32 -13.29 0.08 11.09
C VAL A 32 -14.56 0.48 10.31
N LYS A 33 -14.43 1.22 9.20
CA LYS A 33 -15.57 1.56 8.24
C LYS A 33 -15.44 0.78 6.91
N PHE A 34 -16.52 0.05 6.51
CA PHE A 34 -16.60 -0.70 5.23
C PHE A 34 -17.71 -0.13 4.28
N TYR A 35 -17.42 0.10 3.00
CA TYR A 35 -18.40 0.57 1.97
C TYR A 35 -18.59 -0.40 0.79
N THR A 36 -19.76 -1.05 0.72
CA THR A 36 -20.08 -2.04 -0.36
C THR A 36 -20.82 -1.36 -1.55
N GLY A 37 -20.44 -1.73 -2.79
CA GLY A 37 -21.01 -1.17 -4.06
C GLY A 37 -20.48 -1.75 -5.37
N ILE A 38 -20.79 -1.09 -6.52
CA ILE A 38 -20.33 -1.50 -7.87
C ILE A 38 -19.40 -0.45 -8.45
N LEU A 39 -18.25 -0.90 -8.96
CA LEU A 39 -17.26 0.00 -9.60
C LEU A 39 -16.83 -0.58 -10.98
N LYS A 40 -16.98 0.22 -12.07
CA LYS A 40 -16.65 -0.25 -13.46
C LYS A 40 -17.18 -1.67 -13.75
N ASP A 41 -18.42 -1.95 -13.32
CA ASP A 41 -19.02 -3.31 -13.44
C ASP A 41 -18.65 -4.51 -12.54
N ARG A 42 -17.75 -4.35 -11.54
CA ARG A 42 -17.35 -5.46 -10.61
C ARG A 42 -17.82 -5.12 -9.18
N GLU A 43 -18.07 -6.14 -8.37
CA GLU A 43 -18.41 -5.85 -6.98
C GLU A 43 -17.12 -5.66 -6.14
N VAL A 44 -17.13 -4.61 -5.32
CA VAL A 44 -16.00 -4.27 -4.42
C VAL A 44 -16.42 -4.01 -2.95
N VAL A 45 -15.44 -4.07 -2.03
CA VAL A 45 -15.61 -3.65 -0.59
C VAL A 45 -14.45 -2.66 -0.24
N ILE A 46 -14.76 -1.36 0.01
CA ILE A 46 -13.72 -0.35 0.33
C ILE A 46 -13.55 -0.24 1.86
N THR A 47 -12.30 -0.31 2.36
CA THR A 47 -11.99 -0.35 3.82
C THR A 47 -11.08 0.81 4.30
N GLN A 48 -11.55 1.60 5.30
CA GLN A 48 -10.73 2.64 5.96
C GLN A 48 -10.10 2.12 7.28
N SER A 49 -8.78 1.85 7.27
CA SER A 49 -8.13 1.12 8.41
C SER A 49 -7.67 1.91 9.67
N GLY A 50 -7.36 3.22 9.53
CA GLY A 50 -6.47 3.84 10.57
C GLY A 50 -4.99 3.66 10.30
N ILE A 51 -4.12 4.36 11.08
CA ILE A 51 -2.65 4.43 10.83
C ILE A 51 -1.77 3.38 11.61
N GLY A 52 -0.70 2.83 10.95
CA GLY A 52 0.24 1.88 11.66
C GLY A 52 -0.10 0.40 11.65
N LYS A 53 0.82 -0.45 12.15
CA LYS A 53 0.83 -1.90 11.87
C LYS A 53 -0.34 -2.68 12.49
N VAL A 54 -0.68 -2.35 13.78
CA VAL A 54 -1.78 -3.05 14.55
C VAL A 54 -3.15 -2.71 13.95
N ASN A 55 -3.42 -1.40 13.67
CA ASN A 55 -4.72 -0.98 13.03
C ASN A 55 -4.93 -1.65 11.66
N ALA A 56 -3.86 -1.74 10.83
CA ALA A 56 -3.91 -2.41 9.50
C ALA A 56 -4.15 -3.95 9.64
N ALA A 57 -3.49 -4.58 10.63
CA ALA A 57 -3.73 -6.07 10.84
C ALA A 57 -5.17 -6.45 11.36
N ILE A 58 -5.71 -5.71 12.37
CA ILE A 58 -7.18 -5.85 12.73
C ILE A 58 -8.17 -5.69 11.52
N SER A 59 -8.03 -4.59 10.71
CA SER A 59 -8.88 -4.35 9.51
C SER A 59 -8.81 -5.45 8.43
N THR A 60 -7.58 -5.92 8.15
CA THR A 60 -7.35 -7.02 7.18
C THR A 60 -7.95 -8.39 7.60
N THR A 61 -7.80 -8.74 8.91
CA THR A 61 -8.33 -10.00 9.48
C THR A 61 -9.91 -10.08 9.29
N LEU A 62 -10.59 -8.97 9.65
CA LEU A 62 -12.09 -8.79 9.50
C LEU A 62 -12.59 -8.79 8.01
N LEU A 63 -11.86 -8.08 7.14
CA LEU A 63 -12.08 -8.08 5.67
C LEU A 63 -12.13 -9.51 5.08
N ILE A 64 -11.07 -10.29 5.33
CA ILE A 64 -10.96 -11.69 4.85
C ILE A 64 -12.09 -12.60 5.37
N ASN A 65 -12.28 -12.64 6.67
CA ASN A 65 -13.31 -13.51 7.29
C ASN A 65 -14.76 -13.17 7.01
N LYS A 66 -15.11 -11.88 6.95
CA LYS A 66 -16.52 -11.45 6.64
C LYS A 66 -16.97 -11.45 5.15
N PHE A 67 -16.04 -11.07 4.24
CA PHE A 67 -16.32 -10.78 2.83
C PHE A 67 -15.77 -11.75 1.81
N LYS A 68 -14.89 -12.69 2.23
CA LYS A 68 -14.25 -13.73 1.36
C LYS A 68 -13.70 -13.19 -0.02
N PRO A 69 -12.77 -12.17 -0.02
CA PRO A 69 -12.30 -11.61 -1.33
C PRO A 69 -11.40 -12.59 -2.12
N ASP A 70 -11.39 -12.52 -3.45
CA ASP A 70 -10.46 -13.28 -4.29
C ASP A 70 -9.02 -12.66 -4.34
N VAL A 71 -8.93 -11.31 -4.34
CA VAL A 71 -7.63 -10.54 -4.20
C VAL A 71 -7.83 -9.29 -3.30
N ILE A 72 -6.70 -8.68 -2.79
CA ILE A 72 -6.61 -7.41 -1.94
C ILE A 72 -5.56 -6.42 -2.54
N ILE A 73 -6.01 -5.18 -2.79
CA ILE A 73 -5.21 -4.06 -3.33
C ILE A 73 -5.01 -2.93 -2.25
N ASN A 74 -3.74 -2.56 -1.91
CA ASN A 74 -3.50 -1.40 -0.93
C ASN A 74 -3.20 -0.05 -1.65
N THR A 75 -3.99 1.02 -1.38
CA THR A 75 -3.87 2.35 -2.09
C THR A 75 -3.46 3.50 -1.09
N GLY A 76 -3.09 4.72 -1.58
CA GLY A 76 -2.56 5.83 -0.72
C GLY A 76 -1.16 6.45 -1.09
N SER A 77 -0.55 7.10 -0.11
CA SER A 77 0.69 7.89 -0.23
C SER A 77 1.93 7.25 0.44
N ALA A 78 3.14 7.71 0.08
CA ALA A 78 4.43 7.25 0.65
C ALA A 78 5.63 8.24 0.37
N GLY A 79 6.79 7.99 1.03
CA GLY A 79 8.04 8.83 0.89
C GLY A 79 9.10 8.16 -0.03
N ALA A 80 9.76 8.94 -0.92
CA ALA A 80 10.72 8.39 -1.96
C ALA A 80 12.12 8.19 -1.28
N LEU A 81 12.76 6.99 -1.43
CA LEU A 81 14.17 6.78 -1.07
C LEU A 81 15.11 6.85 -2.32
N ASP A 82 14.60 6.53 -3.51
CA ASP A 82 15.39 6.55 -4.81
C ASP A 82 15.51 8.02 -5.36
N GLU A 83 16.73 8.45 -5.64
N GLU A 83 16.75 8.43 -5.64
CA GLU A 83 16.97 9.82 -6.14
CA GLU A 83 17.07 9.77 -6.21
C GLU A 83 16.36 10.17 -7.51
C GLU A 83 16.26 10.15 -7.45
N SER A 84 15.94 9.18 -8.29
CA SER A 84 15.35 9.49 -9.61
C SER A 84 13.80 9.79 -9.61
N LEU A 85 13.14 9.59 -8.46
CA LEU A 85 11.67 9.81 -8.30
C LEU A 85 11.26 11.25 -7.96
N ASN A 86 10.10 11.72 -8.46
CA ASN A 86 9.52 13.09 -8.21
C ASN A 86 8.12 12.96 -7.56
N VAL A 87 7.62 14.01 -6.87
CA VAL A 87 6.23 14.08 -6.33
C VAL A 87 5.15 13.71 -7.44
N GLY A 88 4.14 12.91 -7.10
CA GLY A 88 3.18 12.41 -8.09
C GLY A 88 3.40 11.08 -8.82
N ASP A 89 4.65 10.61 -8.87
CA ASP A 89 4.97 9.33 -9.57
C ASP A 89 4.28 8.08 -8.92
N VAL A 90 3.77 7.13 -9.70
CA VAL A 90 3.17 5.85 -9.19
C VAL A 90 4.17 4.76 -8.67
N LEU A 91 3.90 4.14 -7.49
CA LEU A 91 4.80 3.04 -6.87
C LEU A 91 4.13 1.63 -6.83
N ILE A 92 4.69 0.60 -7.53
CA ILE A 92 4.12 -0.76 -7.62
C ILE A 92 5.04 -1.70 -6.81
N SER A 93 4.54 -2.43 -5.78
CA SER A 93 5.44 -3.35 -4.99
C SER A 93 5.93 -4.62 -5.80
N ASP A 94 7.16 -5.05 -5.58
CA ASP A 94 7.61 -6.42 -5.94
C ASP A 94 7.62 -7.19 -4.56
N ASP A 95 8.66 -7.02 -3.75
N ASP A 95 8.70 -7.03 -3.78
CA ASP A 95 8.62 -7.62 -2.39
CA ASP A 95 8.80 -7.58 -2.40
C ASP A 95 8.52 -6.50 -1.37
C ASP A 95 8.46 -6.48 -1.38
N VAL A 96 8.15 -6.87 -0.12
CA VAL A 96 7.99 -5.90 1.06
C VAL A 96 8.66 -6.46 2.35
N LYS A 97 9.27 -5.58 3.17
CA LYS A 97 9.90 -6.05 4.44
C LYS A 97 9.93 -4.94 5.56
N TYR A 98 10.04 -5.29 6.86
CA TYR A 98 10.17 -4.26 7.95
C TYR A 98 11.55 -3.60 8.00
N HIS A 99 11.63 -2.24 8.14
CA HIS A 99 12.94 -1.58 8.48
C HIS A 99 13.21 -1.52 10.02
N ASP A 100 12.19 -1.81 10.86
CA ASP A 100 12.35 -1.62 12.35
C ASP A 100 12.23 -2.91 13.25
N ALA A 101 12.39 -4.11 12.68
CA ALA A 101 12.39 -5.39 13.43
C ALA A 101 13.89 -5.84 13.65
N ASP A 102 14.31 -6.01 14.95
CA ASP A 102 15.70 -6.53 15.32
C ASP A 102 15.73 -7.74 16.34
N ALA A 103 15.67 -8.99 15.88
CA ALA A 103 16.00 -10.22 16.69
C ALA A 103 17.39 -10.85 16.27
N THR A 104 18.37 -10.02 15.86
CA THR A 104 19.72 -10.56 15.51
C THR A 104 20.49 -11.22 16.71
N ALA A 105 20.21 -10.84 17.98
CA ALA A 105 20.82 -11.56 19.16
C ALA A 105 20.64 -13.07 19.07
N PHE A 106 19.54 -13.49 18.45
CA PHE A 106 19.32 -14.93 18.15
C PHE A 106 19.77 -15.46 16.78
N GLY A 107 20.58 -14.71 16.03
CA GLY A 107 21.02 -15.12 14.67
C GLY A 107 20.07 -14.90 13.45
N TYR A 108 18.90 -14.29 13.63
CA TYR A 108 18.02 -13.95 12.45
C TYR A 108 18.57 -12.79 11.61
N GLU A 109 18.06 -12.59 10.36
CA GLU A 109 18.50 -11.44 9.51
C GLU A 109 17.93 -10.12 10.04
N TYR A 110 18.65 -9.00 9.87
CA TYR A 110 18.07 -7.67 10.08
C TYR A 110 16.67 -7.46 9.33
N GLY A 111 15.61 -7.01 10.05
CA GLY A 111 14.21 -6.91 9.40
C GLY A 111 13.22 -8.08 9.52
N GLN A 112 13.74 -9.26 9.93
CA GLN A 112 12.98 -10.53 10.01
C GLN A 112 12.30 -10.80 11.42
N ILE A 113 11.03 -11.20 11.38
CA ILE A 113 10.24 -11.61 12.59
C ILE A 113 10.57 -13.10 12.84
N PRO A 114 10.91 -13.47 14.10
CA PRO A 114 11.25 -14.86 14.44
C PRO A 114 10.29 -15.90 13.94
N GLN A 115 10.79 -16.87 13.17
CA GLN A 115 9.96 -17.93 12.58
C GLN A 115 9.22 -17.61 11.32
N MET A 116 9.32 -16.39 10.75
CA MET A 116 8.64 -16.01 9.50
C MET A 116 9.71 -15.87 8.37
N PRO A 117 9.32 -15.76 7.08
CA PRO A 117 10.31 -15.47 5.99
C PRO A 117 10.95 -14.07 6.13
N VAL A 118 12.08 -13.87 5.46
CA VAL A 118 12.80 -12.57 5.43
C VAL A 118 11.92 -11.46 4.78
N ALA A 119 11.29 -11.77 3.63
CA ALA A 119 10.38 -10.81 2.94
C ALA A 119 9.15 -11.57 2.43
N PHE A 120 8.07 -10.82 2.12
CA PHE A 120 6.79 -11.31 1.52
C PHE A 120 6.67 -10.89 -0.01
N GLN A 121 6.19 -11.77 -0.91
CA GLN A 121 6.19 -11.50 -2.39
C GLN A 121 4.84 -11.09 -2.97
N SER A 122 4.73 -10.01 -3.76
CA SER A 122 3.43 -9.62 -4.34
C SER A 122 3.09 -10.58 -5.53
N SER A 123 1.81 -10.71 -5.87
CA SER A 123 1.31 -11.51 -7.02
C SER A 123 1.82 -11.06 -8.43
N LYS A 124 2.66 -11.90 -9.06
CA LYS A 124 3.11 -11.72 -10.49
C LYS A 124 2.05 -11.35 -11.54
N PRO A 125 0.95 -12.13 -11.67
CA PRO A 125 -0.09 -11.72 -12.65
C PRO A 125 -0.68 -10.24 -12.42
N LEU A 126 -0.78 -9.76 -11.16
CA LEU A 126 -1.25 -8.39 -10.86
C LEU A 126 -0.18 -7.33 -11.21
N ILE A 127 1.08 -7.63 -10.88
CA ILE A 127 2.21 -6.73 -11.29
C ILE A 127 2.22 -6.51 -12.86
N GLU A 128 2.08 -7.61 -13.64
CA GLU A 128 2.10 -7.61 -15.11
C GLU A 128 0.98 -6.74 -15.71
N LYS A 129 -0.26 -7.03 -15.29
CA LYS A 129 -1.44 -6.22 -15.62
C LYS A 129 -1.34 -4.73 -15.29
N VAL A 130 -0.87 -4.38 -14.07
CA VAL A 130 -0.84 -2.93 -13.70
C VAL A 130 0.27 -2.16 -14.47
N SER A 131 1.42 -2.82 -14.75
CA SER A 131 2.46 -2.13 -15.59
C SER A 131 2.01 -1.70 -17.02
N GLN A 132 1.20 -2.56 -17.66
CA GLN A 132 0.50 -2.26 -18.94
C GLN A 132 -0.54 -1.11 -18.85
N VAL A 133 -1.37 -1.13 -17.81
CA VAL A 133 -2.25 -0.01 -17.46
C VAL A 133 -1.55 1.35 -17.34
N VAL A 134 -0.42 1.43 -16.61
CA VAL A 134 0.23 2.74 -16.39
C VAL A 134 0.77 3.36 -17.69
N GLN A 135 1.15 2.50 -18.64
CA GLN A 135 1.54 2.97 -20.00
C GLN A 135 0.37 3.65 -20.77
N GLN A 136 -0.76 2.95 -20.88
CA GLN A 136 -1.97 3.52 -21.51
C GLN A 136 -2.43 4.87 -20.97
N GLN A 137 -2.45 5.03 -19.64
CA GLN A 137 -2.79 6.29 -19.02
C GLN A 137 -1.69 7.36 -19.12
N GLN A 138 -0.51 7.02 -19.63
N GLN A 138 -0.59 7.00 -19.81
CA GLN A 138 0.63 7.96 -19.62
CA GLN A 138 0.79 7.53 -19.56
C GLN A 138 0.99 8.59 -18.26
C GLN A 138 1.05 8.45 -18.36
N LEU A 139 1.30 7.74 -17.26
CA LEU A 139 1.66 8.22 -15.94
C LEU A 139 3.03 7.59 -15.63
N THR A 140 4.04 8.39 -15.24
CA THR A 140 5.39 7.88 -14.84
C THR A 140 5.33 6.95 -13.58
N ALA A 141 5.99 5.77 -13.58
CA ALA A 141 5.84 4.70 -12.51
C ALA A 141 7.12 3.93 -12.31
N LYS A 142 7.26 3.16 -11.20
CA LYS A 142 8.40 2.23 -11.01
C LYS A 142 8.00 1.02 -10.12
N VAL A 143 8.54 -0.19 -10.45
CA VAL A 143 8.35 -1.50 -9.70
C VAL A 143 9.58 -1.63 -8.75
N GLY A 144 9.38 -1.95 -7.45
CA GLY A 144 10.55 -2.26 -6.55
C GLY A 144 10.22 -2.61 -5.11
N LEU A 145 11.26 -2.73 -4.28
CA LEU A 145 11.15 -3.06 -2.81
C LEU A 145 10.58 -1.85 -1.97
N ILE A 146 9.45 -2.10 -1.25
CA ILE A 146 8.91 -1.07 -0.31
C ILE A 146 9.17 -1.56 1.17
N VAL A 147 9.62 -0.67 2.08
CA VAL A 147 9.87 -1.05 3.51
C VAL A 147 8.90 -0.26 4.47
N SER A 148 8.43 -0.90 5.56
CA SER A 148 7.42 -0.32 6.50
C SER A 148 7.95 -0.25 7.95
N GLY A 149 7.37 0.65 8.76
CA GLY A 149 7.68 0.78 10.23
C GLY A 149 6.65 1.63 11.01
N ASP A 150 6.62 1.61 12.37
CA ASP A 150 5.69 2.55 13.14
C ASP A 150 6.26 4.01 13.45
N SER A 151 7.10 4.54 12.55
CA SER A 151 7.58 5.97 12.54
C SER A 151 7.37 6.71 11.14
N PHE A 152 7.16 8.03 11.20
CA PHE A 152 7.22 8.94 10.04
C PHE A 152 8.68 9.41 9.85
N ILE A 153 9.22 9.14 8.66
CA ILE A 153 10.65 9.44 8.38
C ILE A 153 10.76 10.89 7.92
N GLY A 154 11.05 11.80 8.85
CA GLY A 154 11.17 13.22 8.47
C GLY A 154 12.46 13.98 8.76
N SER A 155 13.62 13.30 8.60
CA SER A 155 14.99 13.91 8.77
C SER A 155 16.09 13.25 7.90
N VAL A 156 17.18 14.01 7.53
CA VAL A 156 18.32 13.39 6.77
C VAL A 156 18.95 12.20 7.58
N GLU A 157 19.13 12.39 8.90
CA GLU A 157 19.73 11.32 9.78
C GLU A 157 18.91 9.98 9.69
N GLN A 158 17.56 10.07 9.80
CA GLN A 158 16.69 8.86 9.74
C GLN A 158 16.81 8.16 8.38
N ARG A 159 16.67 8.94 7.31
CA ARG A 159 16.83 8.48 5.92
C ARG A 159 18.18 7.79 5.61
N GLN A 160 19.31 8.41 6.00
CA GLN A 160 20.66 7.79 5.78
C GLN A 160 20.83 6.43 6.46
N LYS A 161 20.35 6.28 7.69
CA LYS A 161 20.36 5.01 8.40
C LYS A 161 19.59 3.90 7.68
N ILE A 162 18.38 4.24 7.15
CA ILE A 162 17.59 3.21 6.38
C ILE A 162 18.31 2.78 5.04
N LYS A 163 18.81 3.76 4.24
CA LYS A 163 19.48 3.43 2.95
C LYS A 163 20.79 2.60 3.10
N LYS A 164 21.56 2.79 4.17
CA LYS A 164 22.73 1.90 4.46
C LYS A 164 22.39 0.49 4.84
N ALA A 165 21.31 0.28 5.61
CA ALA A 165 20.94 -1.09 5.98
C ALA A 165 20.20 -1.85 4.87
N PHE A 166 19.45 -1.12 4.02
CA PHE A 166 18.69 -1.75 2.90
C PHE A 166 18.98 -0.99 1.58
N PRO A 167 20.18 -1.25 0.94
CA PRO A 167 20.49 -0.40 -0.24
C PRO A 167 19.57 -0.53 -1.49
N ASN A 168 18.79 -1.59 -1.61
CA ASN A 168 17.85 -1.67 -2.75
C ASN A 168 16.39 -1.16 -2.47
N ALA A 169 16.12 -0.63 -1.28
CA ALA A 169 14.78 -0.08 -0.99
C ALA A 169 14.41 1.18 -1.85
N MET A 170 13.22 1.21 -2.50
CA MET A 170 12.84 2.41 -3.31
C MET A 170 11.94 3.50 -2.64
N ALA A 171 11.21 3.09 -1.59
CA ALA A 171 10.27 4.02 -0.88
C ALA A 171 9.92 3.44 0.55
N VAL A 172 9.25 4.27 1.39
CA VAL A 172 9.00 3.98 2.84
C VAL A 172 7.59 4.48 3.36
N GLU A 173 6.90 3.71 4.22
CA GLU A 173 5.49 4.07 4.74
C GLU A 173 5.17 3.20 6.04
N MET A 174 3.88 3.10 6.44
CA MET A 174 3.50 2.61 7.81
C MET A 174 2.52 1.37 7.89
N GLU A 175 2.02 0.85 6.73
CA GLU A 175 1.07 -0.31 6.74
C GLU A 175 1.34 -1.50 5.80
N ALA A 176 1.97 -1.29 4.63
CA ALA A 176 1.99 -2.35 3.55
C ALA A 176 2.49 -3.72 4.01
N THR A 177 3.60 -3.77 4.78
CA THR A 177 4.22 -5.09 5.21
C THR A 177 3.29 -5.84 6.27
N ALA A 178 2.56 -5.07 7.11
CA ALA A 178 1.53 -5.68 8.04
C ALA A 178 0.31 -6.34 7.28
N ILE A 179 -0.13 -5.65 6.22
CA ILE A 179 -1.26 -6.22 5.38
C ILE A 179 -0.74 -7.51 4.65
N ALA A 180 0.49 -7.45 4.11
CA ALA A 180 1.13 -8.64 3.42
C ALA A 180 1.35 -9.86 4.33
N GLN A 181 1.80 -9.57 5.58
CA GLN A 181 1.93 -10.66 6.63
C GLN A 181 0.54 -11.31 6.88
N THR A 182 -0.52 -10.50 7.01
CA THR A 182 -1.86 -11.08 7.24
C THR A 182 -2.36 -12.01 6.03
N CYS A 183 -2.17 -11.53 4.79
CA CYS A 183 -2.55 -12.27 3.52
C CYS A 183 -1.74 -13.56 3.39
N TYR A 184 -0.48 -13.55 3.82
CA TYR A 184 0.35 -14.80 3.84
C TYR A 184 -0.24 -15.89 4.80
N GLN A 185 -0.62 -15.47 6.03
CA GLN A 185 -1.25 -16.39 6.99
C GLN A 185 -2.56 -17.05 6.49
N PHE A 186 -3.40 -16.33 5.74
CA PHE A 186 -4.63 -16.89 5.21
C PHE A 186 -4.56 -17.32 3.68
N ASN A 187 -3.40 -17.26 3.03
CA ASN A 187 -3.28 -17.55 1.51
C ASN A 187 -4.14 -16.74 0.51
N VAL A 188 -4.09 -15.40 0.52
CA VAL A 188 -4.88 -14.56 -0.40
C VAL A 188 -3.88 -13.75 -1.19
N PRO A 189 -4.02 -13.69 -2.55
CA PRO A 189 -3.08 -12.81 -3.38
C PRO A 189 -3.20 -11.29 -3.08
N PHE A 190 -2.07 -10.54 -3.19
CA PHE A 190 -2.02 -9.14 -2.80
CA PHE A 190 -1.97 -9.15 -2.76
C PHE A 190 -1.08 -8.29 -3.70
N VAL A 191 -1.43 -6.99 -3.88
CA VAL A 191 -0.43 -6.05 -4.53
C VAL A 191 -0.54 -4.65 -3.88
N VAL A 192 0.55 -3.88 -3.85
CA VAL A 192 0.51 -2.40 -3.47
C VAL A 192 0.56 -1.45 -4.72
N VAL A 193 -0.39 -0.50 -4.77
CA VAL A 193 -0.42 0.58 -5.86
C VAL A 193 -0.55 1.94 -5.15
N ARG A 194 0.56 2.61 -4.75
CA ARG A 194 0.55 3.96 -4.00
C ARG A 194 1.13 5.08 -4.92
N ALA A 195 1.36 6.31 -4.42
CA ALA A 195 2.11 7.40 -5.19
C ALA A 195 2.93 8.32 -4.23
N VAL A 196 3.96 9.02 -4.73
CA VAL A 196 4.90 9.87 -3.87
C VAL A 196 4.27 11.18 -3.34
N SER A 197 4.26 11.40 -2.01
CA SER A 197 3.80 12.69 -1.40
C SER A 197 4.95 13.63 -0.92
N ASP A 198 6.18 13.09 -0.81
CA ASP A 198 7.36 13.75 -0.10
C ASP A 198 8.66 12.96 -0.33
N LEU A 199 9.81 13.56 -0.07
CA LEU A 199 11.12 12.89 -0.25
C LEU A 199 11.82 12.41 1.06
N ALA A 200 11.03 12.25 2.13
CA ALA A 200 11.53 11.62 3.40
C ALA A 200 12.82 12.25 4.01
N ASN A 201 12.90 13.60 4.05
CA ASN A 201 14.07 14.35 4.48
C ASN A 201 13.62 15.53 5.43
N GLY A 202 14.46 16.56 5.65
CA GLY A 202 14.07 17.69 6.55
C GLY A 202 12.89 18.54 6.05
N GLU A 203 12.51 18.41 4.78
CA GLU A 203 11.29 19.04 4.22
C GLU A 203 10.02 18.17 4.21
N ALA A 204 10.07 16.95 4.81
CA ALA A 204 8.95 15.96 4.62
C ALA A 204 7.57 16.42 5.11
N GLU A 205 7.52 17.03 6.29
CA GLU A 205 6.22 17.51 6.85
C GLU A 205 5.52 18.64 5.99
N MET A 206 6.31 19.62 5.54
CA MET A 206 5.76 20.69 4.62
C MET A 206 5.35 20.15 3.23
N SER A 207 6.16 19.26 2.60
CA SER A 207 5.75 18.57 1.37
C SER A 207 4.39 17.79 1.49
N PHE A 208 4.26 17.00 2.58
CA PHE A 208 3.07 16.16 2.87
C PHE A 208 1.81 17.06 2.95
N GLU A 209 1.84 18.17 3.70
CA GLU A 209 0.64 19.10 3.72
C GLU A 209 0.28 19.64 2.33
N ALA A 210 1.31 19.91 1.48
CA ALA A 210 1.02 20.44 0.12
C ALA A 210 0.53 19.40 -0.91
N PHE A 211 1.05 18.18 -0.80
CA PHE A 211 0.93 17.24 -1.89
C PHE A 211 0.13 15.94 -1.56
N LEU A 212 -0.44 15.82 -0.35
CA LEU A 212 -1.28 14.60 -0.03
C LEU A 212 -2.39 14.40 -1.06
N GLU A 213 -3.14 15.47 -1.42
CA GLU A 213 -4.25 15.35 -2.43
C GLU A 213 -3.79 14.86 -3.78
N LYS A 214 -2.65 15.40 -4.26
CA LYS A 214 -2.08 15.04 -5.57
C LYS A 214 -1.74 13.58 -5.65
N ALA A 215 -1.07 13.04 -4.63
CA ALA A 215 -0.77 11.55 -4.56
C ALA A 215 -2.06 10.69 -4.50
N ALA A 216 -3.09 11.07 -3.73
CA ALA A 216 -4.38 10.31 -3.82
C ALA A 216 -5.08 10.28 -5.21
N VAL A 217 -5.09 11.42 -5.94
CA VAL A 217 -5.55 11.42 -7.38
C VAL A 217 -4.76 10.43 -8.33
N SER A 218 -3.43 10.52 -8.37
CA SER A 218 -2.57 9.54 -9.12
C SER A 218 -2.83 8.08 -8.85
N SER A 219 -2.89 7.76 -7.55
CA SER A 219 -3.01 6.38 -7.02
C SER A 219 -4.45 5.89 -7.39
N SER A 220 -5.48 6.68 -7.03
CA SER A 220 -6.91 6.26 -7.29
C SER A 220 -7.21 6.06 -8.81
N GLN A 221 -6.63 6.93 -9.66
CA GLN A 221 -6.82 6.84 -11.14
C GLN A 221 -6.30 5.48 -11.70
N THR A 222 -5.16 4.99 -11.19
CA THR A 222 -4.57 3.70 -11.59
C THR A 222 -5.39 2.45 -11.09
N VAL A 223 -5.86 2.51 -9.83
CA VAL A 223 -6.65 1.42 -9.22
C VAL A 223 -8.05 1.29 -10.00
N GLU A 224 -8.72 2.43 -10.28
CA GLU A 224 -10.00 2.45 -11.09
C GLU A 224 -9.85 1.71 -12.42
N ALA A 225 -8.77 2.02 -13.15
CA ALA A 225 -8.48 1.37 -14.46
C ALA A 225 -8.09 -0.12 -14.38
N LEU A 226 -7.33 -0.51 -13.33
CA LEU A 226 -7.03 -1.95 -13.11
C LEU A 226 -8.26 -2.83 -12.80
N VAL A 227 -9.14 -2.36 -11.90
CA VAL A 227 -10.40 -3.08 -11.62
C VAL A 227 -11.23 -3.36 -12.95
N SER A 228 -11.30 -2.38 -13.86
CA SER A 228 -11.95 -2.58 -15.17
C SER A 228 -11.29 -3.66 -16.05
N GLN A 229 -10.03 -4.05 -15.80
CA GLN A 229 -9.41 -5.26 -16.45
C GLN A 229 -9.55 -6.63 -15.75
N LEU A 230 -10.03 -6.70 -14.51
CA LEU A 230 -9.99 -7.98 -13.76
C LEU A 230 -11.19 -8.93 -13.96
C ACT B . -22.77 9.69 -7.11
O ACT B . -22.29 9.87 -5.96
OXT ACT B . -22.01 9.37 -8.08
CH3 ACT B . -24.26 9.88 -7.32
C ACT C . 7.37 8.82 5.27
O ACT C . 7.58 8.21 6.39
OXT ACT C . 8.11 9.76 4.68
CH3 ACT C . 6.09 8.31 4.67
C ACT D . 0.94 6.52 5.53
C ACT D . 1.10 6.32 6.38
O ACT D . 1.75 5.52 5.62
O ACT D . 1.59 5.31 5.75
OXT ACT D . -0.01 6.72 6.38
OXT ACT D . -0.10 6.37 6.95
CH3 ACT D . 1.13 7.43 4.35
CH3 ACT D . 2.01 7.50 6.45
#